data_7QYW
#
_entry.id   7QYW
#
_cell.length_a   94.557
_cell.length_b   94.557
_cell.length_c   33.174
_cell.angle_alpha   90.000
_cell.angle_beta   90.000
_cell.angle_gamma   120.000
#
_symmetry.space_group_name_H-M   'P 31 2 1'
#
loop_
_entity.id
_entity.type
_entity.pdbx_description
1 polymer 'Bromodomain adjacent to zinc finger domain protein 2A'
2 non-polymer (2~{R})-1-[4-(4-ethanoyl-3-ethyl-5-methyl-1~{H}-pyrrol-2-yl)-1,3-thiazol-2-yl]-~{N}-[3,3,3-tris(fluoranyl)propyl]piperazine-2-carboxamide
3 non-polymer 'MAGNESIUM ION'
4 water water
#
_entity_poly.entity_id   1
_entity_poly.type   'polypeptide(L)'
_entity_poly.pdbx_seq_one_letter_code
;SMHSDLTFCEIILMEMESHDAAWPFLEPVNPRLVSGYRRIIKNPMDFSTMRHRLSRGGYTSSEEFAADALLVFDNCQTFN
EDDSEVGKAGHIMRRFFESRWEEFY
;
_entity_poly.pdbx_strand_id   A
#
# COMPACT_ATOMS: atom_id res chain seq x y z
N SER A 4 16.91 -12.20 2.75
CA SER A 4 17.05 -12.37 1.28
C SER A 4 16.44 -11.14 0.63
N ASP A 5 15.60 -11.36 -0.38
CA ASP A 5 14.86 -10.24 -0.99
C ASP A 5 13.92 -9.72 0.08
N LEU A 6 13.65 -10.50 1.12
CA LEU A 6 12.65 -10.06 2.08
C LEU A 6 13.19 -9.02 3.05
N THR A 7 14.50 -8.98 3.28
CA THR A 7 15.04 -7.95 4.16
C THR A 7 14.78 -6.55 3.58
N PHE A 8 14.86 -6.39 2.26
CA PHE A 8 14.55 -5.10 1.66
C PHE A 8 13.08 -4.75 1.85
N CYS A 9 12.18 -5.73 1.74
CA CYS A 9 10.76 -5.49 1.92
C CYS A 9 10.44 -5.06 3.34
N GLU A 10 11.14 -5.62 4.32
CA GLU A 10 10.97 -5.18 5.70
C GLU A 10 11.34 -3.72 5.86
N ILE A 11 12.44 -3.28 5.23
CA ILE A 11 12.85 -1.89 5.31
C ILE A 11 11.81 -0.98 4.65
N ILE A 12 11.41 -1.31 3.42
CA ILE A 12 10.41 -0.49 2.73
C ILE A 12 9.12 -0.42 3.54
N LEU A 13 8.63 -1.57 4.01
CA LEU A 13 7.34 -1.57 4.68
C LEU A 13 7.40 -0.78 5.97
N MET A 14 8.47 -0.95 6.74
CA MET A 14 8.68 -0.16 7.95
C MET A 14 8.68 1.32 7.64
N GLU A 15 9.37 1.72 6.58
CA GLU A 15 9.43 3.14 6.26
C GLU A 15 8.09 3.66 5.75
N MET A 16 7.31 2.83 5.08
CA MET A 16 5.97 3.29 4.67
C MET A 16 5.05 3.39 5.88
N GLU A 17 5.06 2.39 6.76
CA GLU A 17 4.23 2.41 7.95
C GLU A 17 4.43 3.69 8.77
N SER A 18 5.65 4.20 8.86
CA SER A 18 5.93 5.38 9.67
C SER A 18 5.81 6.70 8.90
N HIS A 19 5.61 6.66 7.59
CA HIS A 19 5.55 7.87 6.80
C HIS A 19 4.36 8.74 7.18
N ASP A 20 4.57 10.07 7.17
CA ASP A 20 3.48 11.01 7.51
C ASP A 20 2.24 10.79 6.66
N ALA A 21 2.43 10.48 5.38
CA ALA A 21 1.31 10.32 4.46
C ALA A 21 0.71 8.91 4.44
N ALA A 22 1.08 8.05 5.39
CA ALA A 22 0.58 6.68 5.38
C ALA A 22 -0.80 6.55 6.01
N TRP A 23 -1.32 7.62 6.62
CA TRP A 23 -2.53 7.49 7.41
C TRP A 23 -3.73 6.90 6.66
N PRO A 24 -3.91 7.06 5.34
CA PRO A 24 -5.06 6.39 4.70
C PRO A 24 -4.90 4.89 4.56
N PHE A 25 -3.68 4.37 4.67
CA PHE A 25 -3.36 3.02 4.22
C PHE A 25 -2.90 2.11 5.35
N LEU A 26 -3.03 2.53 6.61
CA LEU A 26 -2.57 1.70 7.72
C LEU A 26 -3.53 0.58 8.06
N GLU A 27 -4.79 0.69 7.67
CA GLU A 27 -5.85 -0.25 8.04
C GLU A 27 -6.71 -0.48 6.82
N PRO A 28 -7.34 -1.66 6.69
CA PRO A 28 -8.27 -1.89 5.58
C PRO A 28 -9.37 -0.85 5.58
N VAL A 29 -9.80 -0.45 4.38
CA VAL A 29 -10.96 0.42 4.31
C VAL A 29 -12.17 -0.35 4.83
N ASN A 30 -12.95 0.31 5.68
CA ASN A 30 -14.20 -0.27 6.17
C ASN A 30 -15.32 0.06 5.19
N PRO A 31 -15.77 -0.90 4.37
CA PRO A 31 -16.80 -0.58 3.36
C PRO A 31 -18.12 -0.12 3.97
N ARG A 32 -18.37 -0.43 5.24
CA ARG A 32 -19.57 0.08 5.90
C ARG A 32 -19.54 1.60 6.02
N LEU A 33 -18.35 2.18 6.09
CA LEU A 33 -18.19 3.61 6.27
C LEU A 33 -17.98 4.35 4.96
N VAL A 34 -17.74 3.64 3.86
CA VAL A 34 -17.32 4.26 2.61
C VAL A 34 -18.27 3.78 1.53
N SER A 35 -19.24 4.62 1.18
CA SER A 35 -20.26 4.24 0.20
C SER A 35 -19.61 3.93 -1.15
N GLY A 36 -19.95 2.75 -1.70
CA GLY A 36 -19.53 2.35 -3.03
C GLY A 36 -18.16 1.73 -3.12
N TYR A 37 -17.47 1.50 -1.99
CA TYR A 37 -16.11 0.99 -2.06
C TYR A 37 -16.09 -0.48 -2.47
N ARG A 38 -16.99 -1.26 -1.87
CA ARG A 38 -17.10 -2.68 -2.18
C ARG A 38 -17.42 -2.89 -3.66
N ARG A 39 -18.28 -2.03 -4.23
CA ARG A 39 -18.66 -2.16 -5.63
C ARG A 39 -17.48 -1.87 -6.56
N ILE A 40 -16.65 -0.88 -6.22
CA ILE A 40 -15.67 -0.34 -7.15
C ILE A 40 -14.30 -1.00 -7.00
N ILE A 41 -13.89 -1.33 -5.79
CA ILE A 41 -12.55 -1.87 -5.54
C ILE A 41 -12.69 -3.37 -5.38
N LYS A 42 -12.20 -4.10 -6.38
CA LYS A 42 -12.34 -5.56 -6.38
C LYS A 42 -11.36 -6.26 -5.44
N ASN A 43 -10.15 -5.72 -5.27
CA ASN A 43 -9.11 -6.39 -4.48
C ASN A 43 -8.49 -5.41 -3.51
N PRO A 44 -9.12 -5.21 -2.35
CA PRO A 44 -8.61 -4.26 -1.36
C PRO A 44 -7.21 -4.66 -0.87
N MET A 45 -6.43 -3.67 -0.45
CA MET A 45 -5.12 -3.97 0.09
C MET A 45 -4.65 -2.79 0.92
N ASP A 46 -3.88 -3.07 1.96
CA ASP A 46 -3.38 -2.02 2.85
C ASP A 46 -2.13 -2.51 3.57
N PHE A 47 -1.48 -1.57 4.29
CA PHE A 47 -0.16 -1.87 4.84
C PHE A 47 -0.23 -2.92 5.94
N SER A 48 -1.31 -2.95 6.73
CA SER A 48 -1.35 -3.94 7.79
C SER A 48 -1.60 -5.34 7.24
N THR A 49 -2.33 -5.46 6.12
CA THR A 49 -2.46 -6.76 5.47
C THR A 49 -1.12 -7.22 4.93
N MET A 50 -0.35 -6.30 4.33
CA MET A 50 0.99 -6.64 3.90
C MET A 50 1.87 -7.03 5.07
N ARG A 51 1.77 -6.30 6.18
CA ARG A 51 2.59 -6.60 7.36
C ARG A 51 2.25 -7.97 7.91
N HIS A 52 0.95 -8.30 7.98
CA HIS A 52 0.54 -9.61 8.47
C HIS A 52 1.03 -10.71 7.55
N ARG A 53 0.95 -10.49 6.24
CA ARG A 53 1.41 -11.51 5.29
C ARG A 53 2.91 -11.68 5.37
N LEU A 54 3.65 -10.59 5.54
CA LEU A 54 5.09 -10.69 5.71
C LEU A 54 5.44 -11.44 7.00
N SER A 55 4.67 -11.19 8.08
CA SER A 55 4.97 -11.80 9.39
C SER A 55 4.83 -13.30 9.37
N ARG A 56 3.83 -13.84 8.66
CA ARG A 56 3.70 -15.28 8.56
C ARG A 56 4.50 -15.86 7.40
N GLY A 57 5.23 -15.03 6.67
CA GLY A 57 6.07 -15.52 5.59
C GLY A 57 5.36 -15.77 4.28
N GLY A 58 4.20 -15.14 4.08
CA GLY A 58 3.37 -15.41 2.91
C GLY A 58 3.82 -14.75 1.62
N TYR A 59 5.02 -14.19 1.59
CA TYR A 59 5.59 -13.66 0.36
C TYR A 59 6.74 -14.57 -0.06
N THR A 60 6.65 -15.11 -1.28
CA THR A 60 7.71 -15.97 -1.79
C THR A 60 8.85 -15.15 -2.39
N SER A 61 8.53 -14.05 -3.07
CA SER A 61 9.54 -13.21 -3.69
C SER A 61 9.26 -11.76 -3.36
N SER A 62 10.24 -10.90 -3.64
CA SER A 62 10.01 -9.46 -3.49
C SER A 62 8.98 -8.96 -4.50
N GLU A 63 8.88 -9.62 -5.66
CA GLU A 63 7.92 -9.17 -6.67
C GLU A 63 6.48 -9.31 -6.19
N GLU A 64 6.19 -10.33 -5.37
CA GLU A 64 4.84 -10.43 -4.80
C GLU A 64 4.58 -9.29 -3.83
N PHE A 65 5.59 -8.93 -3.03
CA PHE A 65 5.45 -7.78 -2.14
C PHE A 65 5.14 -6.51 -2.93
N ALA A 66 5.88 -6.28 -4.02
CA ALA A 66 5.67 -5.06 -4.79
C ALA A 66 4.29 -5.03 -5.45
N ALA A 67 3.77 -6.18 -5.86
CA ALA A 67 2.44 -6.22 -6.44
C ALA A 67 1.39 -5.74 -5.43
N ASP A 68 1.52 -6.14 -4.16
CA ASP A 68 0.57 -5.65 -3.16
C ASP A 68 0.71 -4.16 -2.94
N ALA A 69 1.95 -3.67 -2.87
CA ALA A 69 2.14 -2.24 -2.67
C ALA A 69 1.50 -1.45 -3.80
N LEU A 70 1.75 -1.87 -5.04
CA LEU A 70 1.19 -1.16 -6.18
C LEU A 70 -0.33 -1.24 -6.19
N LEU A 71 -0.88 -2.34 -5.67
CA LEU A 71 -2.32 -2.47 -5.55
C LEU A 71 -2.91 -1.42 -4.60
N VAL A 72 -2.21 -1.16 -3.48
CA VAL A 72 -2.65 -0.11 -2.57
C VAL A 72 -2.85 1.20 -3.33
N PHE A 73 -1.90 1.55 -4.18
CA PHE A 73 -1.94 2.86 -4.81
C PHE A 73 -2.79 2.87 -6.07
N ASP A 74 -2.88 1.75 -6.78
CA ASP A 74 -3.87 1.62 -7.85
C ASP A 74 -5.28 1.77 -7.30
N ASN A 75 -5.59 1.08 -6.20
CA ASN A 75 -6.93 1.21 -5.60
C ASN A 75 -7.19 2.65 -5.19
N CYS A 76 -6.18 3.30 -4.61
CA CYS A 76 -6.33 4.69 -4.18
C CYS A 76 -6.72 5.60 -5.35
N GLN A 77 -5.98 5.50 -6.46
CA GLN A 77 -6.27 6.34 -7.61
C GLN A 77 -7.57 5.98 -8.31
N THR A 78 -8.01 4.73 -8.19
CA THR A 78 -9.30 4.34 -8.77
C THR A 78 -10.46 4.96 -8.01
N PHE A 79 -10.37 5.01 -6.69
CA PHE A 79 -11.52 5.44 -5.91
C PHE A 79 -11.50 6.92 -5.54
N ASN A 80 -10.32 7.53 -5.36
CA ASN A 80 -10.21 8.90 -4.87
C ASN A 80 -9.77 9.84 -5.98
N GLU A 81 -10.37 11.02 -6.00
CA GLU A 81 -9.91 12.07 -6.90
C GLU A 81 -8.45 12.41 -6.58
N ASP A 82 -7.72 12.83 -7.60
CA ASP A 82 -6.31 13.18 -7.40
C ASP A 82 -6.14 14.38 -6.47
N ASP A 83 -7.16 15.23 -6.30
CA ASP A 83 -7.05 16.37 -5.42
C ASP A 83 -7.74 16.18 -4.08
N SER A 84 -8.22 14.98 -3.78
CA SER A 84 -8.78 14.73 -2.47
C SER A 84 -7.65 14.54 -1.46
N GLU A 85 -8.01 14.59 -0.16
CA GLU A 85 -7.00 14.41 0.87
C GLU A 85 -6.37 13.02 0.78
N VAL A 86 -7.18 11.99 0.52
CA VAL A 86 -6.62 10.65 0.43
C VAL A 86 -5.83 10.49 -0.86
N GLY A 87 -6.36 11.01 -1.96
CA GLY A 87 -5.62 10.92 -3.22
C GLY A 87 -4.27 11.59 -3.13
N LYS A 88 -4.23 12.79 -2.52
CA LYS A 88 -2.98 13.51 -2.36
C LYS A 88 -1.98 12.72 -1.52
N ALA A 89 -2.45 12.10 -0.43
CA ALA A 89 -1.54 11.27 0.37
C ALA A 89 -1.08 10.06 -0.43
N GLY A 90 -1.98 9.47 -1.22
CA GLY A 90 -1.60 8.29 -1.98
C GLY A 90 -0.56 8.57 -3.04
N HIS A 91 -0.59 9.76 -3.63
CA HIS A 91 0.46 10.11 -4.57
C HIS A 91 1.81 10.25 -3.89
N ILE A 92 1.84 10.87 -2.70
CA ILE A 92 3.09 10.95 -1.95
C ILE A 92 3.61 9.56 -1.62
N MET A 93 2.72 8.67 -1.17
CA MET A 93 3.17 7.33 -0.79
C MET A 93 3.58 6.50 -2.00
N ARG A 94 2.87 6.66 -3.12
CA ARG A 94 3.23 5.95 -4.33
C ARG A 94 4.61 6.38 -4.82
N ARG A 95 4.85 7.69 -4.90
CA ARG A 95 6.17 8.16 -5.32
C ARG A 95 7.26 7.70 -4.35
N PHE A 96 6.97 7.74 -3.05
CA PHE A 96 7.93 7.20 -2.07
C PHE A 96 8.27 5.75 -2.39
N PHE A 97 7.25 4.91 -2.59
CA PHE A 97 7.49 3.50 -2.82
C PHE A 97 8.31 3.27 -4.09
N GLU A 98 7.90 3.89 -5.20
CA GLU A 98 8.61 3.68 -6.45
C GLU A 98 10.06 4.11 -6.32
N SER A 99 10.31 5.17 -5.57
CA SER A 99 11.66 5.68 -5.39
C SER A 99 12.51 4.74 -4.55
N ARG A 100 11.96 4.23 -3.45
CA ARG A 100 12.72 3.34 -2.57
C ARG A 100 12.93 1.98 -3.24
N TRP A 101 11.91 1.49 -3.95
CA TRP A 101 12.05 0.23 -4.67
C TRP A 101 13.19 0.29 -5.69
N GLU A 102 13.41 1.45 -6.31
CA GLU A 102 14.41 1.55 -7.36
C GLU A 102 15.83 1.62 -6.80
N GLU A 103 16.04 2.23 -5.64
CA GLU A 103 17.37 2.23 -5.05
C GLU A 103 17.63 0.98 -4.23
N PHE A 104 16.92 -0.11 -4.51
CA PHE A 104 17.30 -1.42 -4.01
C PHE A 104 17.45 -2.39 -5.17
N TYR A 105 16.74 -2.13 -6.26
CA TYR A 105 16.74 -2.99 -7.44
C TYR A 105 16.99 -2.18 -8.73
#